data_7L68
#
_entry.id   7L68
#
_cell.length_a   31.623
_cell.length_b   58.718
_cell.length_c   62.383
_cell.angle_alpha   90.000
_cell.angle_beta   97.660
_cell.angle_gamma   90.000
#
_symmetry.space_group_name_H-M   'P 1 21 1'
#
loop_
_entity.id
_entity.type
_entity.pdbx_description
1 polymer 'Macrophage mannose receptor 1'
2 non-polymer 'CALCIUM ION'
3 water water
#
_entity_poly.entity_id   1
_entity_poly.type   'polypeptide(L)'
_entity_poly.pdbx_seq_one_letter_code
;ACPEDWGASSRTSLCFKLYAKGKHEKKTWFESRDFCRALGGDLASINNKEEQQTIWRLITASGSYHKLFWLGLTYGSPSE
GFTWSDGSPVSYENWAYGEPNNYQNVEYCGELKGDPTMSWNDINCEHLNNWICQI
;
_entity_poly.pdbx_strand_id   A,B
#
loop_
_chem_comp.id
_chem_comp.type
_chem_comp.name
_chem_comp.formula
CA non-polymer 'CALCIUM ION' 'Ca 2'
#
# COMPACT_ATOMS: atom_id res chain seq x y z
N PRO A 3 -3.77 1.24 15.22
CA PRO A 3 -3.48 2.55 14.62
C PRO A 3 -4.44 2.84 13.48
N GLU A 4 -4.90 4.08 13.37
CA GLU A 4 -5.94 4.42 12.40
C GLU A 4 -5.44 4.21 10.97
N ASP A 5 -6.27 3.54 10.17
CA ASP A 5 -5.93 3.20 8.79
C ASP A 5 -6.64 4.21 7.90
N TRP A 6 -5.96 5.33 7.62
CA TRP A 6 -6.57 6.38 6.81
C TRP A 6 -6.86 5.91 5.39
N GLY A 7 -6.11 4.92 4.91
CA GLY A 7 -6.30 4.38 3.58
C GLY A 7 -7.38 3.32 3.45
N ALA A 8 -8.02 2.93 4.54
CA ALA A 8 -9.09 1.95 4.45
C ALA A 8 -10.32 2.56 3.77
N SER A 9 -11.03 1.72 3.01
CA SER A 9 -12.27 2.14 2.37
C SER A 9 -13.49 1.72 3.18
N SER A 10 -13.28 1.04 4.30
CA SER A 10 -14.33 0.69 5.24
C SER A 10 -13.67 0.48 6.59
N ARG A 11 -14.46 0.64 7.65
CA ARG A 11 -13.94 0.61 9.00
C ARG A 11 -14.00 -0.81 9.56
N THR A 12 -12.88 -1.25 10.15
CA THR A 12 -12.84 -2.46 10.95
C THR A 12 -11.91 -2.25 12.13
N SER A 13 -12.21 -2.93 13.24
CA SER A 13 -11.35 -2.92 14.40
C SER A 13 -10.22 -3.94 14.32
N LEU A 14 -10.22 -4.80 13.32
CA LEU A 14 -9.17 -5.79 13.13
C LEU A 14 -7.89 -5.08 12.72
N CYS A 15 -6.74 -5.60 13.19
CA CYS A 15 -5.45 -4.93 12.98
CA CYS A 15 -5.47 -4.93 12.97
C CYS A 15 -4.42 -5.94 12.51
N PHE A 16 -3.76 -5.65 11.39
CA PHE A 16 -2.61 -6.42 10.94
C PHE A 16 -1.33 -5.66 11.30
N LYS A 17 -0.28 -6.42 11.62
CA LYS A 17 1.01 -5.83 11.98
C LYS A 17 2.12 -6.59 11.28
N LEU A 18 2.99 -5.86 10.58
CA LEU A 18 4.11 -6.47 9.88
C LEU A 18 5.34 -6.59 10.77
N TYR A 19 6.09 -7.67 10.58
N TYR A 19 6.00 -7.73 10.67
CA TYR A 19 7.18 -7.97 11.50
CA TYR A 19 7.34 -7.90 11.21
C TYR A 19 8.50 -8.27 10.82
C TYR A 19 8.24 -8.25 10.06
N ALA A 20 9.56 -8.05 11.60
N ALA A 20 9.03 -7.27 9.64
CA ALA A 20 10.96 -8.36 11.32
CA ALA A 20 10.04 -7.39 8.59
C ALA A 20 11.69 -7.28 10.55
C ALA A 20 11.08 -6.30 8.88
N LYS A 21 12.42 -6.41 11.28
N LYS A 21 11.99 -6.63 9.80
CA LYS A 21 13.24 -5.37 10.66
CA LYS A 21 13.07 -5.74 10.17
C LYS A 21 14.61 -5.88 10.24
C LYS A 21 14.38 -6.45 9.90
N GLY A 22 15.10 -6.92 10.92
CA GLY A 22 16.41 -7.46 10.67
C GLY A 22 16.35 -8.95 10.42
N LYS A 23 17.38 -9.46 9.76
CA LYS A 23 17.40 -10.86 9.31
C LYS A 23 17.38 -11.83 10.50
N HIS A 24 18.11 -11.50 11.58
CA HIS A 24 18.16 -12.43 12.70
C HIS A 24 16.80 -12.59 13.37
N GLU A 25 15.90 -11.62 13.20
CA GLU A 25 14.58 -11.74 13.80
C GLU A 25 13.72 -12.78 13.11
N LYS A 26 14.05 -13.17 11.88
CA LYS A 26 13.14 -14.01 11.12
C LYS A 26 12.88 -15.32 11.84
N LYS A 27 11.68 -15.86 11.64
CA LYS A 27 11.18 -16.97 12.42
C LYS A 27 10.65 -18.08 11.52
N THR A 28 10.61 -19.28 12.06
CA THR A 28 9.88 -20.36 11.40
C THR A 28 8.38 -20.09 11.48
N TRP A 29 7.61 -20.88 10.74
CA TRP A 29 6.16 -20.70 10.80
C TRP A 29 5.64 -20.92 12.22
N PHE A 30 6.12 -21.96 12.87
CA PHE A 30 5.66 -22.26 14.23
C PHE A 30 6.06 -21.16 15.19
N GLU A 31 7.31 -20.68 15.10
CA GLU A 31 7.73 -19.59 15.97
C GLU A 31 6.90 -18.34 15.72
N SER A 32 6.55 -18.06 14.46
CA SER A 32 5.76 -16.88 14.15
C SER A 32 4.35 -17.00 14.72
N ARG A 33 3.72 -18.17 14.55
CA ARG A 33 2.42 -18.44 15.14
C ARG A 33 2.47 -18.19 16.65
N ASP A 34 3.47 -18.75 17.31
CA ASP A 34 3.58 -18.60 18.77
C ASP A 34 3.80 -17.14 19.15
N PHE A 35 4.61 -16.43 18.37
CA PHE A 35 4.84 -15.01 18.64
C PHE A 35 3.54 -14.22 18.59
N CYS A 36 2.74 -14.43 17.54
CA CYS A 36 1.52 -13.64 17.42
C CYS A 36 0.52 -14.01 18.50
N ARG A 37 0.46 -15.28 18.86
CA ARG A 37 -0.45 -15.71 19.92
C ARG A 37 -0.01 -15.17 21.28
N ALA A 38 1.30 -14.98 21.50
CA ALA A 38 1.74 -14.39 22.75
C ALA A 38 1.27 -12.95 22.91
N LEU A 39 0.92 -12.29 21.81
CA LEU A 39 0.37 -10.95 21.90
C LEU A 39 -1.15 -10.91 21.90
N GLY A 40 -1.81 -12.07 21.94
CA GLY A 40 -3.25 -12.11 21.97
C GLY A 40 -3.90 -12.28 20.62
N GLY A 41 -3.12 -12.47 19.56
CA GLY A 41 -3.67 -12.65 18.23
C GLY A 41 -3.21 -13.94 17.59
N ASP A 42 -2.92 -13.89 16.30
CA ASP A 42 -2.50 -15.07 15.57
C ASP A 42 -1.80 -14.60 14.31
N LEU A 43 -1.18 -15.53 13.60
CA LEU A 43 -0.73 -15.19 12.26
C LEU A 43 -1.91 -14.71 11.42
N ALA A 44 -1.63 -13.78 10.52
CA ALA A 44 -2.69 -13.19 9.72
C ALA A 44 -3.34 -14.20 8.77
N SER A 45 -4.66 -14.15 8.69
CA SER A 45 -5.39 -14.76 7.60
C SER A 45 -5.83 -13.67 6.63
N ILE A 46 -5.89 -14.02 5.35
CA ILE A 46 -6.31 -13.09 4.30
C ILE A 46 -7.57 -13.69 3.69
N ASN A 47 -8.71 -13.10 4.01
CA ASN A 47 -10.00 -13.74 3.76
C ASN A 47 -10.77 -13.10 2.63
N ASN A 48 -10.25 -12.05 2.02
CA ASN A 48 -10.89 -11.39 0.90
C ASN A 48 -9.90 -10.38 0.33
N LYS A 49 -10.27 -9.80 -0.80
CA LYS A 49 -9.40 -8.86 -1.49
C LYS A 49 -9.16 -7.60 -0.68
N GLU A 50 -10.15 -7.18 0.12
CA GLU A 50 -9.97 -5.96 0.92
C GLU A 50 -8.87 -6.15 1.95
N GLU A 51 -8.83 -7.30 2.61
CA GLU A 51 -7.76 -7.58 3.55
C GLU A 51 -6.42 -7.65 2.84
N GLN A 52 -6.38 -8.27 1.66
CA GLN A 52 -5.15 -8.28 0.88
C GLN A 52 -4.66 -6.87 0.58
N GLN A 53 -5.58 -5.97 0.19
CA GLN A 53 -5.17 -4.60 -0.12
C GLN A 53 -4.71 -3.87 1.13
N THR A 54 -5.36 -4.14 2.27
CA THR A 54 -4.95 -3.53 3.51
C THR A 54 -3.51 -3.90 3.86
N ILE A 55 -3.17 -5.18 3.69
CA ILE A 55 -1.80 -5.60 3.96
C ILE A 55 -0.83 -5.01 2.95
N TRP A 56 -1.23 -4.93 1.68
CA TRP A 56 -0.37 -4.28 0.69
C TRP A 56 -0.10 -2.81 1.05
N ARG A 57 -1.10 -2.08 1.56
CA ARG A 57 -0.85 -0.73 2.06
C ARG A 57 0.19 -0.73 3.19
N LEU A 58 0.11 -1.70 4.10
CA LEU A 58 1.09 -1.76 5.18
C LEU A 58 2.49 -2.02 4.64
N ILE A 59 2.60 -2.91 3.66
CA ILE A 59 3.91 -3.23 3.09
C ILE A 59 4.54 -2.02 2.42
N THR A 60 3.77 -1.30 1.62
CA THR A 60 4.32 -0.12 0.96
C THR A 60 4.67 0.97 1.96
N ALA A 61 3.82 1.17 2.98
CA ALA A 61 4.11 2.18 3.99
C ALA A 61 5.36 1.85 4.78
N SER A 62 5.69 0.57 4.93
CA SER A 62 6.88 0.18 5.67
C SER A 62 8.14 0.23 4.83
N GLY A 63 8.01 0.40 3.52
CA GLY A 63 9.18 0.55 2.67
C GLY A 63 10.05 -0.68 2.61
N SER A 64 9.61 -1.79 3.20
CA SER A 64 10.34 -3.05 3.20
C SER A 64 9.74 -3.89 2.08
N TYR A 65 10.37 -3.87 0.92
CA TYR A 65 9.78 -4.42 -0.29
C TYR A 65 10.34 -5.80 -0.61
N HIS A 66 9.54 -6.56 -1.35
CA HIS A 66 9.98 -7.83 -1.94
C HIS A 66 10.48 -8.79 -0.87
N LYS A 67 9.83 -8.78 0.27
CA LYS A 67 10.09 -9.75 1.32
C LYS A 67 9.02 -10.82 1.30
N LEU A 68 9.32 -11.93 1.96
CA LEU A 68 8.42 -13.05 2.15
C LEU A 68 7.95 -13.07 3.60
N PHE A 69 6.65 -13.26 3.78
CA PHE A 69 6.03 -13.18 5.11
C PHE A 69 5.24 -14.44 5.36
N TRP A 70 5.44 -15.05 6.53
CA TRP A 70 4.50 -16.08 6.96
C TRP A 70 3.10 -15.51 7.12
N LEU A 71 2.13 -16.25 6.60
CA LEU A 71 0.72 -16.10 6.92
C LEU A 71 0.29 -17.30 7.75
N GLY A 72 -0.95 -17.26 8.24
CA GLY A 72 -1.45 -18.39 9.02
C GLY A 72 -1.84 -19.63 8.24
N LEU A 73 -1.40 -19.73 6.99
CA LEU A 73 -1.75 -20.85 6.12
C LEU A 73 -0.99 -22.10 6.52
N THR A 74 -1.70 -23.20 6.76
CA THR A 74 -1.05 -24.46 7.02
C THR A 74 -1.89 -25.60 6.47
N TYR A 75 -1.23 -26.64 5.98
CA TYR A 75 -1.96 -27.76 5.40
C TYR A 75 -2.77 -28.44 6.48
N GLY A 76 -4.05 -28.71 6.20
CA GLY A 76 -4.91 -29.39 7.14
C GLY A 76 -4.97 -30.88 6.90
N SER A 77 -5.70 -31.29 5.88
CA SER A 77 -5.93 -32.70 5.59
C SER A 77 -6.52 -32.80 4.19
N PRO A 78 -6.64 -34.01 3.63
CA PRO A 78 -7.24 -34.10 2.28
C PRO A 78 -8.66 -33.57 2.20
N SER A 79 -9.47 -33.76 3.25
CA SER A 79 -10.83 -33.25 3.21
C SER A 79 -10.88 -31.73 3.31
N GLU A 80 -9.86 -31.11 3.89
CA GLU A 80 -9.84 -29.66 4.09
C GLU A 80 -8.95 -28.93 3.10
N GLY A 81 -7.89 -29.57 2.60
CA GLY A 81 -6.85 -28.79 1.94
C GLY A 81 -6.14 -27.93 2.97
N PHE A 82 -5.74 -26.73 2.54
CA PHE A 82 -5.11 -25.80 3.46
C PHE A 82 -6.14 -25.18 4.41
N THR A 83 -5.64 -24.72 5.56
CA THR A 83 -6.42 -24.11 6.62
C THR A 83 -5.71 -22.85 7.10
N TRP A 84 -6.44 -22.02 7.85
CA TRP A 84 -5.85 -20.88 8.54
C TRP A 84 -5.71 -21.22 10.02
N SER A 85 -4.58 -20.80 10.61
CA SER A 85 -4.32 -21.12 12.01
C SER A 85 -5.35 -20.50 12.94
N ASP A 86 -5.99 -19.40 12.53
CA ASP A 86 -7.02 -18.77 13.36
C ASP A 86 -8.39 -19.45 13.24
N GLY A 87 -8.48 -20.54 12.49
CA GLY A 87 -9.71 -21.30 12.38
C GLY A 87 -10.62 -20.89 11.25
N SER A 88 -10.34 -19.77 10.58
CA SER A 88 -11.16 -19.36 9.45
C SER A 88 -11.03 -20.38 8.33
N PRO A 89 -12.10 -20.69 7.61
CA PRO A 89 -11.97 -21.54 6.43
C PRO A 89 -11.15 -20.83 5.37
N VAL A 90 -10.38 -21.60 4.60
CA VAL A 90 -9.69 -21.07 3.43
C VAL A 90 -10.72 -20.99 2.31
N SER A 91 -11.25 -19.79 2.07
N SER A 91 -11.26 -19.79 2.09
CA SER A 91 -12.21 -19.56 1.00
CA SER A 91 -12.22 -19.55 1.02
C SER A 91 -11.57 -18.70 -0.07
C SER A 91 -11.55 -18.70 -0.06
N TYR A 92 -11.32 -17.42 0.21
CA TYR A 92 -10.50 -16.61 -0.67
C TYR A 92 -9.12 -17.24 -0.80
N GLU A 93 -8.62 -17.30 -2.03
CA GLU A 93 -7.30 -17.84 -2.27
C GLU A 93 -6.56 -16.92 -3.22
N ASN A 94 -5.24 -16.82 -3.02
CA ASN A 94 -4.40 -16.08 -3.96
C ASN A 94 -3.08 -16.80 -4.18
N TRP A 95 -3.16 -18.11 -4.43
CA TRP A 95 -1.96 -18.88 -4.70
C TRP A 95 -1.29 -18.40 -5.98
N ALA A 96 0.04 -18.38 -5.96
CA ALA A 96 0.79 -18.13 -7.17
C ALA A 96 0.57 -19.28 -8.16
N TYR A 97 0.95 -19.05 -9.41
CA TYR A 97 0.86 -20.10 -10.42
C TYR A 97 1.60 -21.35 -9.94
N GLY A 98 0.97 -22.50 -10.13
CA GLY A 98 1.62 -23.73 -9.76
C GLY A 98 1.78 -23.97 -8.28
N GLU A 99 1.02 -23.25 -7.45
CA GLU A 99 1.05 -23.39 -6.01
C GLU A 99 -0.36 -23.63 -5.50
N PRO A 100 -0.52 -24.33 -4.36
CA PRO A 100 0.54 -24.94 -3.56
C PRO A 100 1.02 -26.21 -4.25
N ASN A 101 2.32 -26.49 -4.18
CA ASN A 101 2.88 -27.63 -4.91
C ASN A 101 3.57 -28.65 -4.02
N ASN A 102 3.56 -28.48 -2.70
CA ASN A 102 4.21 -29.40 -1.76
C ASN A 102 5.53 -29.94 -2.31
N TYR A 103 6.43 -29.02 -2.65
CA TYR A 103 7.62 -29.39 -3.39
C TYR A 103 8.50 -30.33 -2.56
N GLN A 104 8.81 -31.48 -3.14
CA GLN A 104 9.59 -32.53 -2.49
C GLN A 104 8.93 -33.04 -1.22
N ASN A 105 7.62 -32.89 -1.12
CA ASN A 105 6.81 -33.47 -0.05
C ASN A 105 7.07 -32.83 1.30
N VAL A 106 7.65 -31.63 1.36
CA VAL A 106 8.01 -31.04 2.64
C VAL A 106 7.51 -29.62 2.83
N GLU A 107 6.49 -29.19 2.08
CA GLU A 107 6.03 -27.79 2.15
C GLU A 107 4.60 -27.77 2.67
N TYR A 108 4.43 -27.41 3.94
CA TYR A 108 3.11 -27.48 4.57
C TYR A 108 2.65 -26.17 5.17
N CYS A 109 3.38 -25.08 4.94
CA CYS A 109 3.03 -23.77 5.45
C CYS A 109 3.00 -22.77 4.32
N GLY A 110 2.20 -21.72 4.47
CA GLY A 110 2.02 -20.74 3.40
C GLY A 110 2.69 -19.42 3.71
N GLU A 111 3.35 -18.86 2.70
CA GLU A 111 4.01 -17.58 2.78
C GLU A 111 3.45 -16.63 1.72
N LEU A 112 3.48 -15.35 2.04
CA LEU A 112 3.07 -14.27 1.16
C LEU A 112 4.29 -13.62 0.52
N LYS A 113 4.26 -13.45 -0.78
CA LYS A 113 5.26 -12.64 -1.47
C LYS A 113 4.77 -11.20 -1.42
N GLY A 114 5.51 -10.36 -0.68
CA GLY A 114 5.08 -9.00 -0.37
C GLY A 114 5.34 -8.01 -1.48
N ASP A 115 4.71 -8.22 -2.62
CA ASP A 115 4.80 -7.30 -3.74
C ASP A 115 3.36 -7.10 -4.25
N PRO A 116 3.13 -6.31 -5.30
CA PRO A 116 1.73 -6.05 -5.69
C PRO A 116 0.91 -7.28 -5.99
N THR A 117 1.53 -8.38 -6.42
CA THR A 117 0.76 -9.59 -6.67
C THR A 117 0.17 -10.17 -5.40
N MET A 118 0.86 -10.00 -4.27
CA MET A 118 0.40 -10.52 -2.98
C MET A 118 0.11 -12.01 -3.05
N SER A 119 0.89 -12.73 -3.84
CA SER A 119 0.61 -14.15 -4.09
CA SER A 119 0.63 -14.15 -4.09
C SER A 119 1.15 -15.01 -2.96
N TRP A 120 0.57 -16.21 -2.83
CA TRP A 120 0.92 -17.17 -1.80
C TRP A 120 1.67 -18.36 -2.38
N ASN A 121 2.56 -18.93 -1.57
N ASN A 121 2.61 -18.87 -1.60
CA ASN A 121 3.29 -20.12 -1.96
CA ASN A 121 3.35 -20.09 -1.88
C ASN A 121 3.46 -20.99 -0.73
C ASN A 121 3.25 -21.00 -0.68
N ASP A 122 3.32 -22.31 -0.91
CA ASP A 122 3.61 -23.21 0.18
C ASP A 122 5.12 -23.44 0.22
N ILE A 123 5.66 -23.52 1.43
CA ILE A 123 7.10 -23.64 1.62
C ILE A 123 7.32 -24.40 2.91
N ASN A 124 8.53 -24.89 3.09
CA ASN A 124 8.83 -25.67 4.29
C ASN A 124 8.66 -24.80 5.54
N CYS A 125 7.95 -25.35 6.52
CA CYS A 125 7.59 -24.60 7.72
C CYS A 125 8.80 -24.16 8.53
N GLU A 126 9.97 -24.79 8.34
CA GLU A 126 11.16 -24.40 9.07
C GLU A 126 11.94 -23.28 8.39
N HIS A 127 11.48 -22.79 7.25
CA HIS A 127 12.12 -21.63 6.64
CA HIS A 127 12.13 -21.64 6.64
C HIS A 127 12.00 -20.42 7.55
N LEU A 128 13.01 -19.58 7.52
CA LEU A 128 13.03 -18.36 8.32
C LEU A 128 12.47 -17.23 7.47
N ASN A 129 11.32 -16.70 7.88
CA ASN A 129 10.64 -15.65 7.14
C ASN A 129 10.29 -14.49 8.07
N ASN A 130 9.93 -13.37 7.45
CA ASN A 130 9.18 -12.34 8.13
C ASN A 130 7.78 -12.88 8.41
N TRP A 131 6.94 -12.11 9.11
CA TRP A 131 5.60 -12.62 9.37
C TRP A 131 4.66 -11.45 9.59
N ILE A 132 3.36 -11.77 9.54
CA ILE A 132 2.31 -10.79 9.76
C ILE A 132 1.39 -11.33 10.85
N CYS A 133 1.20 -10.56 11.90
CA CYS A 133 0.22 -10.89 12.93
C CYS A 133 -1.08 -10.15 12.72
N GLN A 134 -2.14 -10.71 13.29
CA GLN A 134 -3.41 -10.02 13.32
CA GLN A 134 -3.44 -10.08 13.31
C GLN A 134 -3.99 -10.14 14.72
N ILE A 135 -4.72 -9.11 15.12
CA ILE A 135 -5.40 -9.16 16.40
C ILE A 135 -6.77 -8.51 16.22
N ALA B 1 -15.91 27.92 -8.62
CA ALA B 1 -16.64 27.78 -7.36
C ALA B 1 -15.73 27.25 -6.25
N CYS B 2 -14.44 27.59 -6.30
CA CYS B 2 -13.53 27.24 -5.23
C CYS B 2 -13.44 28.39 -4.25
N PRO B 3 -13.87 28.22 -3.01
CA PRO B 3 -13.80 29.31 -2.04
C PRO B 3 -12.36 29.68 -1.73
N GLU B 4 -12.17 30.96 -1.37
CA GLU B 4 -10.85 31.40 -0.93
C GLU B 4 -10.41 30.64 0.32
N ASP B 5 -11.35 30.31 1.20
CA ASP B 5 -11.09 29.44 2.34
C ASP B 5 -11.27 28.00 1.85
N TRP B 6 -10.16 27.35 1.51
CA TRP B 6 -10.20 26.02 0.91
C TRP B 6 -10.97 25.04 1.80
N GLY B 7 -10.80 25.14 3.11
CA GLY B 7 -11.48 24.22 4.00
C GLY B 7 -12.98 24.36 4.03
N ALA B 8 -13.55 25.46 3.51
CA ALA B 8 -15.00 25.58 3.44
C ALA B 8 -15.59 24.58 2.45
N SER B 9 -14.81 24.20 1.43
CA SER B 9 -15.18 23.24 0.39
C SER B 9 -16.33 23.73 -0.46
N SER B 10 -16.92 22.80 -1.22
CA SER B 10 -17.87 23.08 -2.26
C SER B 10 -18.58 21.77 -2.56
N ARG B 11 -19.84 21.86 -2.95
CA ARG B 11 -20.52 20.67 -3.48
C ARG B 11 -20.23 20.47 -4.96
N THR B 12 -19.76 21.51 -5.65
CA THR B 12 -19.73 21.54 -7.10
C THR B 12 -18.35 21.66 -7.72
N SER B 13 -17.33 21.97 -6.92
CA SER B 13 -15.97 22.07 -7.42
C SER B 13 -15.07 21.25 -6.54
N LEU B 14 -14.21 20.45 -7.17
CA LEU B 14 -13.08 19.85 -6.48
C LEU B 14 -11.94 20.86 -6.49
N CYS B 15 -11.42 21.19 -5.32
CA CYS B 15 -10.49 22.30 -5.20
C CYS B 15 -9.21 21.86 -4.51
N PHE B 16 -8.12 22.51 -4.89
CA PHE B 16 -6.78 22.05 -4.53
C PHE B 16 -6.08 23.05 -3.63
N LYS B 17 -5.18 22.53 -2.80
CA LYS B 17 -4.37 23.35 -1.92
C LYS B 17 -2.94 22.81 -1.91
N LEU B 18 -1.97 23.68 -2.19
CA LEU B 18 -0.57 23.30 -2.19
C LEU B 18 -0.03 23.30 -0.77
N TYR B 19 0.82 22.33 -0.48
CA TYR B 19 1.58 22.26 0.78
C TYR B 19 3.05 22.18 0.40
N ALA B 20 3.67 23.34 0.26
CA ALA B 20 5.10 23.46 0.02
C ALA B 20 5.76 23.65 1.37
N LYS B 21 6.63 22.71 1.72
CA LYS B 21 7.19 22.63 3.06
C LYS B 21 8.71 22.55 2.99
N GLY B 22 9.35 23.05 4.04
CA GLY B 22 10.77 22.89 4.18
C GLY B 22 11.12 21.52 4.71
N LYS B 23 12.42 21.31 4.92
CA LYS B 23 12.92 19.99 5.30
C LYS B 23 12.18 19.43 6.52
N HIS B 24 11.91 20.28 7.52
CA HIS B 24 11.32 19.77 8.75
C HIS B 24 9.89 19.27 8.55
N GLU B 25 9.23 19.64 7.45
CA GLU B 25 7.82 19.34 7.30
C GLU B 25 7.43 18.60 6.02
N LYS B 26 8.39 18.22 5.18
CA LYS B 26 8.06 17.37 4.05
C LYS B 26 7.59 16.00 4.55
N LYS B 27 6.89 15.28 3.67
CA LYS B 27 6.20 14.06 4.06
C LYS B 27 6.36 12.98 3.00
N THR B 28 6.27 11.72 3.45
CA THR B 28 6.17 10.59 2.53
C THR B 28 4.79 10.59 1.89
N TRP B 29 4.60 9.69 0.91
CA TRP B 29 3.29 9.63 0.27
C TRP B 29 2.20 9.30 1.26
N PHE B 30 2.41 8.26 2.09
N PHE B 30 2.41 8.27 2.10
CA PHE B 30 1.38 7.84 3.04
CA PHE B 30 1.37 7.85 3.04
C PHE B 30 1.13 8.92 4.09
C PHE B 30 1.14 8.90 4.12
N GLU B 31 2.20 9.57 4.56
CA GLU B 31 2.02 10.67 5.52
C GLU B 31 1.20 11.80 4.92
N SER B 32 1.44 12.12 3.64
CA SER B 32 0.69 13.17 2.98
C SER B 32 -0.77 12.78 2.81
N ARG B 33 -1.01 11.51 2.43
CA ARG B 33 -2.37 11.01 2.31
C ARG B 33 -3.10 11.14 3.65
N ASP B 34 -2.46 10.69 4.73
CA ASP B 34 -3.07 10.78 6.05
C ASP B 34 -3.38 12.23 6.41
N PHE B 35 -2.46 13.14 6.07
CA PHE B 35 -2.63 14.56 6.37
C PHE B 35 -3.84 15.14 5.65
N CYS B 36 -3.96 14.86 4.35
CA CYS B 36 -5.06 15.41 3.59
C CYS B 36 -6.40 14.82 4.03
N ARG B 37 -6.40 13.53 4.36
CA ARG B 37 -7.65 12.91 4.80
C ARG B 37 -8.07 13.41 6.18
N ALA B 38 -7.11 13.73 7.04
CA ALA B 38 -7.45 14.32 8.33
C ALA B 38 -8.08 15.70 8.16
N LEU B 39 -7.76 16.39 7.06
CA LEU B 39 -8.40 17.66 6.74
C LEU B 39 -9.79 17.51 6.14
N GLY B 40 -10.23 16.28 5.88
CA GLY B 40 -11.50 16.04 5.25
C GLY B 40 -11.42 15.86 3.76
N GLY B 41 -10.22 15.87 3.19
CA GLY B 41 -10.07 15.70 1.76
C GLY B 41 -9.24 14.48 1.42
N ASP B 42 -8.33 14.62 0.46
CA ASP B 42 -7.49 13.51 0.04
C ASP B 42 -6.29 14.09 -0.67
N LEU B 43 -5.28 13.26 -0.91
CA LEU B 43 -4.24 13.69 -1.82
C LEU B 43 -4.86 14.02 -3.17
N ALA B 44 -4.27 15.01 -3.86
CA ALA B 44 -4.88 15.54 -5.07
C ALA B 44 -4.91 14.50 -6.19
N SER B 45 -6.07 14.41 -6.83
CA SER B 45 -6.21 13.74 -8.11
C SER B 45 -6.33 14.79 -9.21
N ILE B 46 -5.74 14.48 -10.36
CA ILE B 46 -5.79 15.37 -11.52
C ILE B 46 -6.55 14.62 -12.59
N ASN B 47 -7.81 14.97 -12.74
CA ASN B 47 -8.75 14.16 -13.51
C ASN B 47 -8.96 14.64 -14.94
N ASN B 48 -8.38 15.78 -15.29
CA ASN B 48 -8.47 16.34 -16.62
C ASN B 48 -7.46 17.49 -16.73
N LYS B 49 -7.28 17.97 -17.95
CA LYS B 49 -6.31 19.02 -18.19
C LYS B 49 -6.67 20.30 -17.46
N GLU B 50 -7.96 20.59 -17.32
CA GLU B 50 -8.37 21.80 -16.61
C GLU B 50 -7.92 21.78 -15.15
N GLU B 51 -8.02 20.62 -14.50
CA GLU B 51 -7.53 20.53 -13.13
C GLU B 51 -6.02 20.70 -13.08
N GLN B 52 -5.31 20.14 -14.05
CA GLN B 52 -3.87 20.38 -14.13
C GLN B 52 -3.58 21.87 -14.25
N GLN B 53 -4.33 22.58 -15.11
CA GLN B 53 -4.12 24.01 -15.28
C GLN B 53 -4.40 24.77 -13.99
N THR B 54 -5.46 24.41 -13.29
CA THR B 54 -5.77 25.06 -12.02
C THR B 54 -4.61 24.91 -11.04
N ILE B 55 -4.06 23.70 -10.94
CA ILE B 55 -2.95 23.48 -10.02
C ILE B 55 -1.71 24.24 -10.48
N TRP B 56 -1.47 24.26 -11.79
CA TRP B 56 -0.34 25.04 -12.31
C TRP B 56 -0.49 26.51 -11.96
N ARG B 57 -1.71 27.06 -12.07
CA ARG B 57 -1.89 28.46 -11.68
C ARG B 57 -1.53 28.69 -10.22
N LEU B 58 -1.91 27.75 -9.34
CA LEU B 58 -1.52 27.87 -7.95
C LEU B 58 -0.01 27.85 -7.80
N ILE B 59 0.67 27.00 -8.57
CA ILE B 59 2.13 26.94 -8.50
C ILE B 59 2.76 28.24 -8.99
N THR B 60 2.26 28.79 -10.10
CA THR B 60 2.82 30.05 -10.60
C THR B 60 2.64 31.18 -9.59
N ALA B 61 1.52 31.19 -8.86
CA ALA B 61 1.24 32.27 -7.94
C ALA B 61 2.04 32.17 -6.65
N SER B 62 2.59 31.00 -6.36
CA SER B 62 3.36 30.79 -5.14
C SER B 62 4.86 30.73 -5.40
N GLY B 63 5.30 30.95 -6.63
CA GLY B 63 6.71 30.96 -6.96
C GLY B 63 7.42 29.64 -6.79
N SER B 64 6.74 28.51 -7.05
CA SER B 64 7.33 27.20 -6.80
C SER B 64 7.58 26.41 -8.08
N TYR B 65 8.43 26.92 -8.97
CA TYR B 65 8.58 26.34 -10.31
C TYR B 65 9.37 25.03 -10.34
N HIS B 66 10.12 24.69 -9.30
CA HIS B 66 10.97 23.50 -9.35
C HIS B 66 10.53 22.39 -8.42
N LYS B 67 9.44 22.57 -7.69
CA LYS B 67 9.14 21.70 -6.58
C LYS B 67 8.47 20.41 -7.02
N LEU B 68 8.69 19.36 -6.25
CA LEU B 68 8.07 18.06 -6.46
C LEU B 68 6.96 17.91 -5.43
N PHE B 69 5.79 17.46 -5.86
CA PHE B 69 4.63 17.34 -4.99
C PHE B 69 4.04 15.94 -5.09
N TRP B 70 3.72 15.34 -3.94
CA TRP B 70 2.92 14.12 -3.98
C TRP B 70 1.53 14.40 -4.55
N LEU B 71 1.10 13.53 -5.46
CA LEU B 71 -0.30 13.40 -5.86
C LEU B 71 -0.83 12.10 -5.31
N GLY B 72 -2.13 11.88 -5.50
CA GLY B 72 -2.74 10.67 -5.01
C GLY B 72 -2.46 9.39 -5.79
N LEU B 73 -1.49 9.41 -6.71
CA LEU B 73 -1.16 8.23 -7.51
C LEU B 73 -0.59 7.12 -6.63
N THR B 74 -1.23 5.96 -6.66
CA THR B 74 -0.83 4.82 -5.84
C THR B 74 -1.01 3.53 -6.63
N TYR B 75 0.00 2.65 -6.55
CA TYR B 75 -0.02 1.40 -7.31
C TYR B 75 -0.67 0.35 -6.43
N GLY B 76 -1.95 0.08 -6.67
CA GLY B 76 -2.72 -0.75 -5.77
C GLY B 76 -2.61 -2.24 -6.04
N SER B 77 -2.41 -2.59 -7.30
CA SER B 77 -2.43 -3.99 -7.71
C SER B 77 -1.98 -4.04 -9.16
N PRO B 78 -1.49 -5.19 -9.62
CA PRO B 78 -1.15 -5.30 -11.04
C PRO B 78 -2.35 -5.10 -11.93
N SER B 79 -3.54 -5.53 -11.51
CA SER B 79 -4.72 -5.41 -12.36
CA SER B 79 -4.72 -5.41 -12.36
C SER B 79 -5.09 -3.95 -12.60
N GLU B 80 -5.21 -3.18 -11.52
CA GLU B 80 -5.62 -1.80 -11.70
C GLU B 80 -4.47 -0.90 -12.13
N GLY B 81 -3.25 -1.24 -11.73
CA GLY B 81 -2.14 -0.33 -11.92
C GLY B 81 -2.25 0.84 -10.96
N PHE B 82 -1.80 2.00 -11.42
CA PHE B 82 -1.97 3.21 -10.63
C PHE B 82 -3.42 3.64 -10.58
N THR B 83 -3.88 3.98 -9.39
CA THR B 83 -5.18 4.59 -9.20
C THR B 83 -4.95 5.87 -8.42
N TRP B 84 -6.00 6.66 -8.28
CA TRP B 84 -5.96 7.76 -7.34
C TRP B 84 -6.09 7.22 -5.92
N SER B 85 -5.92 8.12 -4.95
CA SER B 85 -5.85 7.68 -3.56
C SER B 85 -7.11 6.94 -3.14
N ASP B 86 -8.26 7.39 -3.58
CA ASP B 86 -9.53 6.76 -3.25
C ASP B 86 -9.83 5.53 -4.10
N GLY B 87 -8.88 5.07 -4.91
CA GLY B 87 -9.10 3.92 -5.77
C GLY B 87 -9.71 4.23 -7.10
N SER B 88 -10.06 5.48 -7.38
CA SER B 88 -10.71 5.82 -8.63
C SER B 88 -9.70 5.71 -9.77
N PRO B 89 -10.15 5.43 -10.98
CA PRO B 89 -9.20 5.17 -12.07
C PRO B 89 -8.51 6.45 -12.51
N VAL B 90 -7.28 6.26 -12.99
CA VAL B 90 -6.58 7.32 -13.69
C VAL B 90 -7.17 7.40 -15.09
N SER B 91 -7.87 8.51 -15.37
CA SER B 91 -8.47 8.76 -16.67
C SER B 91 -7.47 9.56 -17.48
N TYR B 92 -7.46 10.87 -17.23
CA TYR B 92 -6.43 11.73 -17.75
C TYR B 92 -5.07 11.33 -17.18
N GLU B 93 -4.03 11.42 -18.00
CA GLU B 93 -2.68 11.18 -17.50
C GLU B 93 -1.72 12.21 -18.08
N ASN B 94 -0.68 12.51 -17.31
CA ASN B 94 0.40 13.36 -17.80
C ASN B 94 1.74 12.84 -17.32
N TRP B 95 1.97 11.53 -17.44
CA TRP B 95 3.26 10.96 -17.10
C TRP B 95 4.36 11.58 -17.96
N ALA B 96 5.51 11.84 -17.35
CA ALA B 96 6.67 12.30 -18.09
C ALA B 96 7.11 11.21 -19.08
N TYR B 97 8.01 11.60 -19.98
CA TYR B 97 8.54 10.64 -20.94
C TYR B 97 9.11 9.42 -20.22
N GLY B 98 8.74 8.23 -20.70
CA GLY B 98 9.23 6.99 -20.15
C GLY B 98 8.60 6.58 -18.85
N GLU B 99 7.71 7.36 -18.33
CA GLU B 99 7.07 7.07 -17.05
C GLU B 99 5.67 6.52 -17.25
N PRO B 100 5.15 5.73 -16.31
CA PRO B 100 5.84 5.23 -15.11
C PRO B 100 6.77 4.08 -15.44
N ASN B 101 7.98 4.13 -14.91
CA ASN B 101 9.04 3.20 -15.32
C ASN B 101 9.42 2.19 -14.24
N ASN B 102 8.86 2.27 -13.05
CA ASN B 102 9.14 1.34 -11.96
C ASN B 102 10.63 1.15 -11.74
N TYR B 103 11.33 2.27 -11.60
CA TYR B 103 12.78 2.24 -11.43
C TYR B 103 13.14 1.42 -10.19
N GLN B 104 13.99 0.40 -10.37
CA GLN B 104 14.41 -0.50 -9.30
C GLN B 104 13.27 -1.29 -8.68
N ASN B 105 12.12 -1.36 -9.34
CA ASN B 105 11.02 -2.24 -8.94
C ASN B 105 10.46 -1.86 -7.57
N VAL B 106 10.52 -0.57 -7.19
CA VAL B 106 9.96 -0.15 -5.91
C VAL B 106 9.25 1.19 -5.99
N GLU B 107 8.70 1.54 -7.15
CA GLU B 107 8.09 2.86 -7.33
C GLU B 107 6.58 2.74 -7.35
N TYR B 108 5.97 2.80 -6.16
CA TYR B 108 4.56 2.49 -6.01
C TYR B 108 3.70 3.72 -5.76
N CYS B 109 4.27 4.92 -5.87
CA CYS B 109 3.55 6.17 -5.67
C CYS B 109 3.92 7.11 -6.81
N GLY B 110 3.13 8.16 -7.00
CA GLY B 110 3.36 9.11 -8.08
C GLY B 110 3.52 10.53 -7.57
N GLU B 111 4.47 11.24 -8.13
CA GLU B 111 4.73 12.62 -7.78
C GLU B 111 4.58 13.50 -9.02
N LEU B 112 4.26 14.76 -8.78
CA LEU B 112 4.16 15.81 -9.79
C LEU B 112 5.44 16.63 -9.78
N LYS B 113 6.01 16.84 -10.96
CA LYS B 113 7.09 17.80 -11.12
C LYS B 113 6.44 19.13 -11.46
N GLY B 114 6.47 20.06 -10.50
CA GLY B 114 5.77 21.32 -10.61
C GLY B 114 6.47 22.36 -11.45
N ASP B 115 6.92 21.95 -12.63
CA ASP B 115 7.44 22.90 -13.60
C ASP B 115 6.38 23.06 -14.70
N PRO B 116 6.62 23.87 -15.73
CA PRO B 116 5.56 24.05 -16.75
C PRO B 116 5.07 22.76 -17.39
N THR B 117 5.87 21.68 -17.41
CA THR B 117 5.37 20.45 -18.01
C THR B 117 4.30 19.78 -17.14
N MET B 118 4.36 19.98 -15.82
CA MET B 118 3.37 19.40 -14.91
C MET B 118 3.31 17.87 -15.04
N SER B 119 4.46 17.27 -15.28
CA SER B 119 4.52 15.86 -15.59
C SER B 119 4.57 15.00 -14.33
N TRP B 120 4.21 13.73 -14.47
CA TRP B 120 4.16 12.80 -13.36
C TRP B 120 5.26 11.75 -13.47
N ASN B 121 5.69 11.27 -12.32
CA ASN B 121 6.74 10.28 -12.22
C ASN B 121 6.39 9.29 -11.12
N ASP B 122 6.51 7.98 -11.38
CA ASP B 122 6.41 7.04 -10.28
C ASP B 122 7.73 7.07 -9.53
N ILE B 123 7.64 6.97 -8.20
CA ILE B 123 8.81 7.14 -7.35
C ILE B 123 8.55 6.35 -6.07
N ASN B 124 9.63 6.04 -5.35
CA ASN B 124 9.50 5.35 -4.07
C ASN B 124 8.67 6.18 -3.10
N CYS B 125 7.69 5.52 -2.49
CA CYS B 125 6.72 6.20 -1.63
C CYS B 125 7.36 6.81 -0.39
N GLU B 126 8.57 6.41 -0.05
CA GLU B 126 9.26 6.92 1.12
C GLU B 126 9.93 8.28 0.89
N HIS B 127 9.95 8.79 -0.34
CA HIS B 127 10.53 10.10 -0.58
C HIS B 127 9.79 11.17 0.20
N LEU B 128 10.54 12.11 0.75
CA LEU B 128 9.94 13.25 1.42
C LEU B 128 9.73 14.36 0.40
N ASN B 129 8.47 14.72 0.19
CA ASN B 129 8.10 15.72 -0.79
C ASN B 129 7.16 16.74 -0.19
N ASN B 130 6.94 17.81 -0.95
CA ASN B 130 5.75 18.62 -0.80
C ASN B 130 4.53 17.79 -1.21
N TRP B 131 3.34 18.33 -1.02
CA TRP B 131 2.15 17.59 -1.46
C TRP B 131 1.04 18.56 -1.80
N ILE B 132 -0.03 18.01 -2.38
CA ILE B 132 -1.21 18.78 -2.75
C ILE B 132 -2.42 18.03 -2.23
N CYS B 133 -3.31 18.71 -1.52
CA CYS B 133 -4.57 18.12 -1.11
C CYS B 133 -5.70 18.60 -2.00
N GLN B 134 -6.75 17.78 -2.10
CA GLN B 134 -8.01 18.17 -2.71
C GLN B 134 -9.09 18.07 -1.66
N ILE B 135 -10.17 18.82 -1.87
CA ILE B 135 -11.40 18.64 -1.10
C ILE B 135 -12.58 19.02 -1.99
CA CA C . 5.65 -24.36 -3.01
CA CA D . 9.82 6.60 -12.18
#